data_6CYW
#
_entry.id   6CYW
#
_cell.length_a   42.134
_cell.length_b   105.256
_cell.length_c   106.388
_cell.angle_alpha   90.000
_cell.angle_beta   90.000
_cell.angle_gamma   90.000
#
_symmetry.space_group_name_H-M   'P 21 21 21'
#
loop_
_entity.id
_entity.type
_entity.pdbx_description
1 polymer 'Antigen-presenting glycoprotein CD1d1'
2 polymer Beta-2-microglobulin
3 branched 2-acetamido-2-deoxy-beta-D-glucopyranose-(1-4)-2-acetamido-2-deoxy-beta-D-glucopyranose
4 non-polymer 2-acetamido-2-deoxy-beta-D-glucopyranose
5 non-polymer sphingomyelin
6 water water
#
loop_
_entity_poly.entity_id
_entity_poly.type
_entity_poly.pdbx_seq_one_letter_code
_entity_poly.pdbx_strand_id
1 'polypeptide(L)'
;SEAQQKNYTFRCLQMSSFANRSWSRTDSVVWLGDLQTHRWSNDSATISFTKPWSQGKLSNQQWEKLQHMFQVYRVSFTRD
IQELVKMMSPKEDYPIEIQLSAGCEMYPGNASESFLHVAFQGKYVVRFWGTSWQTVPGAPSWLDLPIKVLNADQGTSATV
QMLLNDTCPLFVRGLLEAGKSDLEKQEKPVAWLSSVPSSAHGHRQLVCHVSGFYPKPVWVMWMRGDQEQQGTHRGDFLPN
ADETWYLQATLDVEAGEEAGLACRVKHSSLGGQDIILYWHHHHHH
;
A
2 'polypeptide(L)'
;IQKTPQIQVYSRHPPENGKPNILNCYVTQFHPPHIEIQMLKNGKKIPKVEMSDMSFSKDWSFYILAHTEFTPTETDTYAC
RVKHASMAEPKTVYWDRDM
;
B
#
# COMPACT_ATOMS: atom_id res chain seq x y z
N LYS A 6 9.58 -13.37 -12.94
CA LYS A 6 10.64 -13.19 -11.90
C LYS A 6 10.08 -13.20 -10.48
N ASN A 7 10.75 -12.49 -9.58
CA ASN A 7 10.37 -12.42 -8.15
C ASN A 7 8.98 -11.87 -7.91
N TYR A 8 8.15 -12.66 -7.23
CA TYR A 8 6.84 -12.22 -6.79
C TYR A 8 6.66 -12.48 -5.31
N THR A 9 6.21 -11.47 -4.59
CA THR A 9 5.89 -11.61 -3.18
C THR A 9 4.38 -11.57 -3.00
N PHE A 10 3.86 -12.61 -2.35
CA PHE A 10 2.46 -12.71 -2.01
C PHE A 10 2.33 -12.37 -0.52
N ARG A 11 1.48 -11.39 -0.22
CA ARG A 11 1.33 -10.86 1.14
C ARG A 11 -0.12 -10.83 1.58
N CYS A 12 -0.44 -11.56 2.65
CA CYS A 12 -1.73 -11.43 3.32
C CYS A 12 -1.54 -10.50 4.51
N LEU A 13 -2.32 -9.42 4.52
CA LEU A 13 -2.14 -8.36 5.50
C LEU A 13 -3.38 -8.23 6.37
N GLN A 14 -3.22 -8.51 7.66
CA GLN A 14 -4.32 -8.44 8.61
C GLN A 14 -4.14 -7.27 9.56
N MET A 15 -5.20 -6.49 9.73
CA MET A 15 -5.19 -5.31 10.55
C MET A 15 -6.30 -5.43 11.57
N SER A 16 -5.93 -5.60 12.85
CA SER A 16 -6.91 -5.73 13.92
C SER A 16 -6.78 -4.61 14.95
N SER A 17 -7.91 -3.99 15.27
CA SER A 17 -7.97 -2.88 16.22
C SER A 17 -8.89 -3.24 17.37
N PHE A 18 -8.39 -3.06 18.59
CA PHE A 18 -9.16 -3.29 19.80
C PHE A 18 -9.21 -1.99 20.59
N ALA A 19 -10.39 -1.38 20.64
CA ALA A 19 -10.58 -0.09 21.33
C ALA A 19 -10.95 -0.29 22.80
N ASN A 20 -11.67 -1.38 23.07
CA ASN A 20 -12.07 -1.75 24.43
C ASN A 20 -12.61 -3.19 24.46
N ARG A 21 -13.18 -3.58 25.60
CA ARG A 21 -13.75 -4.92 25.79
C ARG A 21 -14.78 -5.30 24.73
N SER A 22 -15.51 -4.32 24.19
CA SER A 22 -16.67 -4.57 23.35
C SER A 22 -16.55 -4.05 21.91
N TRP A 23 -15.39 -3.52 21.56
CA TRP A 23 -15.18 -2.96 20.23
C TRP A 23 -13.89 -3.42 19.63
N SER A 24 -14.00 -4.22 18.58
CA SER A 24 -12.85 -4.61 17.79
C SER A 24 -13.28 -4.75 16.34
N ARG A 25 -12.32 -4.61 15.43
CA ARG A 25 -12.54 -4.88 14.03
C ARG A 25 -11.27 -5.44 13.42
N THR A 26 -11.44 -6.39 12.49
CA THR A 26 -10.32 -6.98 11.78
C THR A 26 -10.60 -6.89 10.29
N ASP A 27 -9.69 -6.26 9.55
CA ASP A 27 -9.81 -6.16 8.11
C ASP A 27 -8.52 -6.68 7.51
N SER A 28 -8.65 -7.35 6.37
CA SER A 28 -7.50 -7.89 5.68
C SER A 28 -7.48 -7.52 4.20
N VAL A 29 -6.29 -7.41 3.64
CA VAL A 29 -6.10 -7.27 2.20
C VAL A 29 -5.02 -8.26 1.79
N VAL A 30 -5.05 -8.66 0.52
CA VAL A 30 -4.06 -9.59 0.00
C VAL A 30 -3.47 -9.05 -1.31
N TRP A 31 -2.16 -9.19 -1.45
CA TRP A 31 -1.44 -8.65 -2.60
C TRP A 31 -0.60 -9.71 -3.24
N LEU A 32 -0.58 -9.70 -4.57
CA LEU A 32 0.41 -10.47 -5.31
C LEU A 32 1.26 -9.44 -6.06
N GLY A 33 2.50 -9.27 -5.60
CA GLY A 33 3.31 -8.13 -6.04
C GLY A 33 2.59 -6.86 -5.64
N ASP A 34 2.32 -5.99 -6.60
CA ASP A 34 1.62 -4.73 -6.34
C ASP A 34 0.17 -4.73 -6.84
N LEU A 35 -0.40 -5.91 -7.06
CA LEU A 35 -1.81 -6.02 -7.45
C LEU A 35 -2.60 -6.66 -6.33
N GLN A 36 -3.70 -6.01 -5.95
CA GLN A 36 -4.57 -6.54 -4.90
C GLN A 36 -5.42 -7.67 -5.46
N THR A 37 -5.43 -8.80 -4.75
CA THR A 37 -6.15 -10.00 -5.17
C THR A 37 -7.35 -10.29 -4.29
N HIS A 38 -7.29 -9.88 -3.03
CA HIS A 38 -8.39 -10.11 -2.11
C HIS A 38 -8.57 -8.97 -1.15
N ARG A 39 -9.79 -8.85 -0.67
CA ARG A 39 -10.12 -7.96 0.43
C ARG A 39 -11.08 -8.73 1.35
N TRP A 40 -10.85 -8.62 2.66
CA TRP A 40 -11.75 -9.24 3.62
C TRP A 40 -12.13 -8.28 4.69
N SER A 41 -13.25 -7.61 4.48
CA SER A 41 -13.75 -6.61 5.40
C SER A 41 -14.30 -7.25 6.65
N ASN A 42 -14.16 -6.54 7.78
CA ASN A 42 -14.70 -7.01 9.06
C ASN A 42 -16.18 -7.36 9.01
N ASP A 43 -16.95 -6.54 8.31
CA ASP A 43 -18.40 -6.70 8.30
C ASP A 43 -18.88 -7.57 7.12
N SER A 44 -17.95 -8.37 6.60
CA SER A 44 -18.24 -9.39 5.58
C SER A 44 -17.85 -10.76 6.12
N ALA A 45 -18.74 -11.74 5.95
CA ALA A 45 -18.47 -13.11 6.38
C ALA A 45 -17.50 -13.82 5.46
N THR A 46 -17.50 -13.43 4.18
CA THR A 46 -16.70 -14.11 3.16
C THR A 46 -15.58 -13.22 2.61
N ILE A 47 -14.51 -13.87 2.17
CA ILE A 47 -13.39 -13.20 1.51
C ILE A 47 -13.82 -12.79 0.11
N SER A 48 -13.55 -11.55 -0.27
CA SER A 48 -13.97 -11.02 -1.56
C SER A 48 -12.83 -11.04 -2.55
N PHE A 49 -13.14 -11.38 -3.80
CA PHE A 49 -12.16 -11.37 -4.87
C PHE A 49 -12.07 -9.97 -5.45
N THR A 50 -10.85 -9.50 -5.73
CA THR A 50 -10.64 -8.23 -6.41
C THR A 50 -9.99 -8.41 -7.78
N LYS A 51 -9.92 -9.66 -8.23
CA LYS A 51 -9.52 -9.99 -9.60
C LYS A 51 -10.40 -11.12 -10.11
N PRO A 52 -10.54 -11.25 -11.45
CA PRO A 52 -11.26 -12.42 -11.97
C PRO A 52 -10.60 -13.73 -11.55
N TRP A 53 -9.30 -13.68 -11.30
CA TRP A 53 -8.49 -14.88 -11.08
C TRP A 53 -8.05 -15.10 -9.66
N SER A 54 -8.73 -14.44 -8.73
CA SER A 54 -8.35 -14.45 -7.31
C SER A 54 -8.48 -15.82 -6.62
N GLN A 55 -9.21 -16.75 -7.23
CA GLN A 55 -9.30 -18.10 -6.69
C GLN A 55 -8.13 -18.98 -7.16
N GLY A 56 -7.27 -18.43 -8.02
CA GLY A 56 -6.14 -19.17 -8.58
C GLY A 56 -6.60 -20.42 -9.32
N LYS A 57 -5.94 -21.55 -9.02
CA LYS A 57 -6.28 -22.85 -9.61
C LYS A 57 -6.97 -23.78 -8.61
N LEU A 58 -7.36 -23.24 -7.45
CA LEU A 58 -8.07 -24.03 -6.44
C LEU A 58 -9.50 -24.26 -6.87
N SER A 59 -9.99 -25.47 -6.63
CA SER A 59 -11.40 -25.79 -6.88
C SER A 59 -12.26 -25.07 -5.86
N ASN A 60 -13.54 -24.93 -6.15
CA ASN A 60 -14.49 -24.33 -5.21
C ASN A 60 -14.43 -24.98 -3.82
N GLN A 61 -14.29 -26.31 -3.79
CA GLN A 61 -14.20 -27.06 -2.55
C GLN A 61 -12.91 -26.73 -1.79
N GLN A 62 -11.79 -26.65 -2.51
CA GLN A 62 -10.52 -26.27 -1.91
C GLN A 62 -10.60 -24.87 -1.33
N TRP A 63 -11.21 -23.95 -2.07
CA TRP A 63 -11.37 -22.57 -1.61
C TRP A 63 -12.28 -22.47 -0.41
N GLU A 64 -13.41 -23.16 -0.44
CA GLU A 64 -14.34 -23.17 0.69
C GLU A 64 -13.70 -23.69 1.97
N LYS A 65 -12.89 -24.75 1.85
CA LYS A 65 -12.15 -25.32 2.98
C LYS A 65 -11.18 -24.30 3.56
N LEU A 66 -10.43 -23.65 2.67
CA LEU A 66 -9.48 -22.62 3.05
C LEU A 66 -10.18 -21.43 3.73
N GLN A 67 -11.25 -20.94 3.13
CA GLN A 67 -12.04 -19.84 3.70
C GLN A 67 -12.63 -20.16 5.08
N HIS A 68 -13.20 -21.34 5.22
CA HIS A 68 -13.78 -21.72 6.52
C HIS A 68 -12.74 -21.68 7.61
N MET A 69 -11.55 -22.20 7.33
CA MET A 69 -10.45 -22.14 8.26
C MET A 69 -10.14 -20.70 8.68
N PHE A 70 -10.05 -19.80 7.70
CA PHE A 70 -9.84 -18.38 7.99
C PHE A 70 -10.99 -17.75 8.78
N GLN A 71 -12.23 -18.13 8.47
CA GLN A 71 -13.40 -17.66 9.20
C GLN A 71 -13.35 -18.07 10.67
N VAL A 72 -12.98 -19.33 10.93
CA VAL A 72 -12.80 -19.83 12.30
C VAL A 72 -11.67 -19.06 12.98
N TYR A 73 -10.56 -18.92 12.28
CA TYR A 73 -9.41 -18.16 12.76
C TYR A 73 -9.75 -16.75 13.19
N ARG A 74 -10.47 -16.01 12.33
CA ARG A 74 -10.78 -14.60 12.62
C ARG A 74 -11.56 -14.41 13.94
N VAL A 75 -12.54 -15.28 14.18
CA VAL A 75 -13.30 -15.26 15.43
C VAL A 75 -12.41 -15.68 16.61
N SER A 76 -11.59 -16.70 16.40
CA SER A 76 -10.71 -17.24 17.44
C SER A 76 -9.63 -16.25 17.84
N PHE A 77 -9.00 -15.62 16.85
CA PHE A 77 -8.00 -14.59 17.10
C PHE A 77 -8.56 -13.45 17.95
N THR A 78 -9.76 -13.00 17.62
CA THR A 78 -10.40 -11.88 18.32
C THR A 78 -10.70 -12.23 19.79
N ARG A 79 -11.20 -13.44 20.03
CA ARG A 79 -11.45 -13.92 21.39
C ARG A 79 -10.14 -14.04 22.19
N ASP A 80 -9.15 -14.70 21.60
CA ASP A 80 -7.84 -14.92 22.25
C ASP A 80 -7.13 -13.63 22.66
N ILE A 81 -7.17 -12.63 21.79
CA ILE A 81 -6.53 -11.35 22.07
C ILE A 81 -7.26 -10.62 23.19
N GLN A 82 -8.59 -10.51 23.10
CA GLN A 82 -9.40 -9.90 24.15
C GLN A 82 -9.21 -10.57 25.52
N GLU A 83 -8.91 -11.87 25.49
CA GLU A 83 -8.63 -12.64 26.71
C GLU A 83 -7.20 -12.41 27.20
N LEU A 84 -6.28 -12.23 26.25
CA LEU A 84 -4.90 -11.90 26.58
C LEU A 84 -4.80 -10.53 27.24
N VAL A 85 -5.50 -9.55 26.66
CA VAL A 85 -5.61 -8.21 27.23
C VAL A 85 -6.24 -8.25 28.64
N LYS A 86 -7.30 -9.04 28.79
CA LYS A 86 -7.97 -9.19 30.09
C LYS A 86 -7.00 -9.63 31.17
N MET A 87 -6.16 -10.60 30.84
CA MET A 87 -5.13 -11.09 31.75
C MET A 87 -3.81 -10.33 31.53
N MET A 88 -3.91 -9.01 31.38
CA MET A 88 -2.76 -8.14 31.15
C MET A 88 -3.07 -6.71 31.61
N SER A 89 -3.81 -6.59 32.71
CA SER A 89 -4.19 -5.30 33.26
C SER A 89 -3.34 -4.96 34.50
N PRO A 90 -2.76 -3.74 34.53
CA PRO A 90 -2.77 -2.74 33.47
C PRO A 90 -1.42 -2.62 32.75
N LYS A 91 -0.85 -3.75 32.35
CA LYS A 91 0.46 -3.80 31.69
C LYS A 91 0.45 -3.01 30.37
N GLU A 92 -0.39 -3.45 29.43
CA GLU A 92 -0.57 -2.77 28.15
C GLU A 92 -2.05 -2.78 27.78
N ASP A 93 -2.75 -1.69 28.10
CA ASP A 93 -4.19 -1.60 27.86
C ASP A 93 -4.56 -0.92 26.53
N TYR A 94 -5.86 -0.71 26.36
CA TYR A 94 -6.44 -0.16 25.14
C TYR A 94 -6.00 1.29 24.88
N PRO A 95 -5.96 1.71 23.61
CA PRO A 95 -6.26 0.92 22.41
C PRO A 95 -5.12 0.00 21.99
N ILE A 96 -5.46 -1.11 21.34
CA ILE A 96 -4.47 -2.06 20.88
C ILE A 96 -4.55 -2.30 19.37
N GLU A 97 -3.42 -2.14 18.71
CA GLU A 97 -3.30 -2.44 17.28
C GLU A 97 -2.41 -3.64 17.06
N ILE A 98 -2.93 -4.63 16.35
CA ILE A 98 -2.14 -5.78 15.95
C ILE A 98 -2.15 -5.90 14.44
N GLN A 99 -0.98 -6.14 13.85
CA GLN A 99 -0.89 -6.39 12.42
C GLN A 99 -0.21 -7.71 12.20
N LEU A 100 -0.65 -8.41 11.16
CA LEU A 100 -0.06 -9.67 10.78
C LEU A 100 0.24 -9.63 9.28
N SER A 101 1.45 -10.08 8.93
CA SER A 101 1.88 -10.12 7.54
C SER A 101 2.42 -11.52 7.25
N ALA A 102 1.71 -12.23 6.37
CA ALA A 102 2.01 -13.64 6.10
C ALA A 102 1.94 -13.92 4.61
N GLY A 103 2.82 -14.78 4.13
CA GLY A 103 2.82 -15.14 2.74
C GLY A 103 4.09 -15.86 2.34
N CYS A 104 4.43 -15.73 1.06
CA CYS A 104 5.61 -16.39 0.51
C CYS A 104 6.19 -15.59 -0.64
N GLU A 105 7.52 -15.61 -0.76
CA GLU A 105 8.20 -14.98 -1.87
C GLU A 105 8.59 -16.05 -2.88
N MET A 106 8.15 -15.87 -4.12
CA MET A 106 8.39 -16.84 -5.20
C MET A 106 9.62 -16.48 -6.01
N TYR A 107 10.46 -17.47 -6.26
CA TYR A 107 11.72 -17.30 -6.98
C TYR A 107 11.72 -18.09 -8.29
N PRO A 108 12.53 -17.66 -9.28
CA PRO A 108 12.74 -18.40 -10.53
C PRO A 108 13.07 -19.88 -10.28
N GLY A 109 12.47 -20.75 -11.09
CA GLY A 109 12.40 -22.17 -10.81
C GLY A 109 11.14 -22.42 -9.99
N ASN A 110 11.17 -23.43 -9.13
CA ASN A 110 10.02 -23.74 -8.28
C ASN A 110 10.29 -23.53 -6.79
N ALA A 111 11.23 -22.63 -6.48
CA ALA A 111 11.62 -22.35 -5.10
C ALA A 111 10.85 -21.17 -4.50
N SER A 112 10.66 -21.22 -3.19
CA SER A 112 9.98 -20.14 -2.44
C SER A 112 10.38 -20.14 -0.97
N GLU A 113 10.18 -18.99 -0.32
CA GLU A 113 10.41 -18.86 1.13
C GLU A 113 9.19 -18.19 1.74
N SER A 114 8.70 -18.73 2.84
CA SER A 114 7.50 -18.21 3.47
C SER A 114 7.78 -17.46 4.77
N PHE A 115 6.83 -16.63 5.18
CA PHE A 115 7.00 -15.76 6.34
C PHE A 115 5.67 -15.50 7.03
N LEU A 116 5.74 -15.29 8.34
CA LEU A 116 4.59 -14.88 9.14
C LEU A 116 5.13 -13.99 10.25
N HIS A 117 4.78 -12.71 10.15
CA HIS A 117 5.29 -11.67 11.04
C HIS A 117 4.16 -10.96 11.72
N VAL A 118 4.35 -10.61 12.98
CA VAL A 118 3.30 -9.99 13.76
C VAL A 118 3.84 -8.74 14.44
N ALA A 119 3.08 -7.65 14.35
CA ALA A 119 3.43 -6.41 15.02
C ALA A 119 2.38 -6.01 16.04
N PHE A 120 2.84 -5.46 17.16
CA PHE A 120 1.98 -4.99 18.24
C PHE A 120 2.27 -3.50 18.49
N GLN A 121 1.22 -2.68 18.39
CA GLN A 121 1.34 -1.22 18.48
C GLN A 121 2.33 -0.66 17.45
N GLY A 122 2.32 -1.21 16.24
CA GLY A 122 3.19 -0.74 15.16
C GLY A 122 4.61 -1.30 15.18
N LYS A 123 4.90 -2.20 16.12
CA LYS A 123 6.24 -2.77 16.25
C LYS A 123 6.28 -4.30 16.16
N TYR A 124 7.14 -4.79 15.27
CA TYR A 124 7.39 -6.22 15.06
C TYR A 124 7.83 -6.91 16.35
N VAL A 125 7.05 -7.90 16.80
CA VAL A 125 7.29 -8.58 18.08
C VAL A 125 7.40 -10.12 17.96
N VAL A 126 6.71 -10.69 16.99
CA VAL A 126 6.54 -12.15 16.92
C VAL A 126 6.64 -12.62 15.47
N ARG A 127 7.33 -13.75 15.27
CA ARG A 127 7.26 -14.47 14.00
C ARG A 127 6.92 -15.95 14.23
N PHE A 128 6.35 -16.59 13.22
CA PHE A 128 6.35 -18.05 13.19
C PHE A 128 7.55 -18.50 12.39
N TRP A 129 8.37 -19.37 12.97
CA TRP A 129 9.60 -19.80 12.31
C TRP A 129 9.82 -21.27 12.47
N GLY A 130 9.84 -21.97 11.33
CA GLY A 130 10.03 -23.41 11.32
C GLY A 130 8.79 -24.13 11.83
N THR A 131 8.75 -24.39 13.13
CA THR A 131 7.68 -25.17 13.74
C THR A 131 7.05 -24.49 14.96
N SER A 132 7.44 -23.25 15.24
CA SER A 132 6.94 -22.56 16.43
C SER A 132 6.88 -21.04 16.35
N TRP A 133 5.99 -20.47 17.16
CA TRP A 133 5.93 -19.04 17.37
C TRP A 133 7.09 -18.63 18.23
N GLN A 134 7.73 -17.52 17.87
CA GLN A 134 8.79 -17.00 18.72
C GLN A 134 8.82 -15.47 18.76
N THR A 135 9.10 -14.95 19.94
CA THR A 135 9.26 -13.52 20.12
C THR A 135 10.62 -13.11 19.59
N VAL A 136 10.69 -11.92 19.01
CA VAL A 136 11.94 -11.40 18.48
C VAL A 136 12.75 -10.73 19.60
N PRO A 137 14.09 -10.75 19.50
CA PRO A 137 14.87 -10.08 20.54
C PRO A 137 14.39 -8.65 20.78
N GLY A 138 14.15 -8.31 22.04
CA GLY A 138 13.70 -6.97 22.40
C GLY A 138 12.19 -6.78 22.47
N ALA A 139 11.43 -7.84 22.16
CA ALA A 139 9.98 -7.81 22.36
C ALA A 139 9.66 -7.80 23.86
N PRO A 140 8.53 -7.16 24.24
CA PRO A 140 8.13 -7.09 25.65
C PRO A 140 8.14 -8.47 26.32
N SER A 141 8.67 -8.53 27.53
CA SER A 141 8.85 -9.81 28.22
C SER A 141 7.53 -10.51 28.57
N TRP A 142 6.45 -9.75 28.72
CA TRP A 142 5.14 -10.33 29.03
C TRP A 142 4.59 -11.20 27.93
N LEU A 143 5.19 -11.11 26.74
CA LEU A 143 4.81 -11.96 25.61
C LEU A 143 5.32 -13.39 25.71
N ASP A 144 6.33 -13.63 26.55
CA ASP A 144 7.00 -14.94 26.63
C ASP A 144 6.09 -16.11 27.00
N LEU A 145 5.32 -15.95 28.09
CA LEU A 145 4.40 -17.00 28.56
C LEU A 145 3.26 -17.32 27.58
N PRO A 146 2.55 -16.28 27.08
CA PRO A 146 1.49 -16.45 26.07
C PRO A 146 1.96 -17.12 24.76
N ILE A 147 3.18 -16.83 24.34
CA ILE A 147 3.76 -17.50 23.18
C ILE A 147 4.07 -18.98 23.46
N LYS A 148 4.51 -19.27 24.70
CA LYS A 148 4.72 -20.65 25.13
C LYS A 148 3.40 -21.42 25.19
N VAL A 149 2.35 -20.74 25.64
CA VAL A 149 1.01 -21.34 25.67
C VAL A 149 0.58 -21.65 24.24
N LEU A 150 0.67 -20.65 23.38
CA LEU A 150 0.33 -20.80 21.97
C LEU A 150 1.11 -21.96 21.32
N ASN A 151 2.39 -22.06 21.66
CA ASN A 151 3.22 -23.15 21.15
C ASN A 151 2.81 -24.55 21.59
N ALA A 152 2.04 -24.64 22.68
CA ALA A 152 1.50 -25.92 23.14
C ALA A 152 0.31 -26.39 22.30
N ASP A 153 -0.27 -25.48 21.53
CA ASP A 153 -1.35 -25.82 20.62
C ASP A 153 -0.75 -26.40 19.34
N GLN A 154 -0.52 -27.72 19.35
CA GLN A 154 0.08 -28.40 18.20
C GLN A 154 -0.81 -28.35 16.95
N GLY A 155 -2.13 -28.34 17.14
CA GLY A 155 -3.08 -28.20 16.05
C GLY A 155 -2.90 -26.93 15.24
N THR A 156 -2.79 -25.79 15.92
CA THR A 156 -2.53 -24.52 15.25
C THR A 156 -1.15 -24.51 14.61
N SER A 157 -0.16 -25.04 15.32
CA SER A 157 1.21 -25.12 14.79
C SER A 157 1.29 -25.92 13.48
N ALA A 158 0.67 -27.11 13.47
CA ALA A 158 0.63 -27.95 12.27
C ALA A 158 -0.06 -27.26 11.10
N THR A 159 -1.18 -26.59 11.40
CA THR A 159 -1.95 -25.88 10.38
C THR A 159 -1.13 -24.72 9.79
N VAL A 160 -0.46 -23.96 10.65
CA VAL A 160 0.39 -22.86 10.19
C VAL A 160 1.53 -23.38 9.33
N GLN A 161 2.14 -24.49 9.76
CA GLN A 161 3.21 -25.14 8.97
C GLN A 161 2.71 -25.54 7.57
N MET A 162 1.53 -26.16 7.53
CA MET A 162 0.89 -26.52 6.26
C MET A 162 0.66 -25.30 5.36
N LEU A 163 0.13 -24.23 5.96
CA LEU A 163 -0.18 -23.01 5.21
C LEU A 163 1.05 -22.36 4.62
N LEU A 164 2.13 -22.26 5.41
CA LEU A 164 3.37 -21.63 4.95
C LEU A 164 4.19 -22.52 4.01
N ASN A 165 4.35 -23.79 4.36
CA ASN A 165 5.20 -24.70 3.59
C ASN A 165 4.57 -25.20 2.30
N ASP A 166 3.25 -25.39 2.32
CA ASP A 166 2.54 -26.06 1.22
C ASP A 166 1.55 -25.14 0.54
N THR A 167 0.55 -24.70 1.28
CA THR A 167 -0.59 -23.97 0.75
C THR A 167 -0.19 -22.67 0.06
N CYS A 168 0.69 -21.90 0.68
CA CYS A 168 1.11 -20.61 0.09
C CYS A 168 1.70 -20.77 -1.31
N PRO A 169 2.86 -21.46 -1.44
CA PRO A 169 3.46 -21.58 -2.78
C PRO A 169 2.55 -22.27 -3.79
N LEU A 170 1.80 -23.28 -3.35
CA LEU A 170 0.80 -23.94 -4.19
C LEU A 170 -0.25 -22.97 -4.73
N PHE A 171 -0.85 -22.17 -3.85
CA PHE A 171 -1.84 -21.18 -4.25
C PHE A 171 -1.27 -20.13 -5.20
N VAL A 172 -0.07 -19.64 -4.88
CA VAL A 172 0.57 -18.58 -5.67
C VAL A 172 0.94 -19.03 -7.09
N ARG A 173 1.49 -20.24 -7.22
CA ARG A 173 1.74 -20.83 -8.56
C ARG A 173 0.47 -20.75 -9.42
N GLY A 174 -0.66 -21.13 -8.84
CA GLY A 174 -1.96 -21.02 -9.50
C GLY A 174 -2.40 -19.60 -9.82
N LEU A 175 -2.12 -18.66 -8.92
CA LEU A 175 -2.44 -17.25 -9.18
C LEU A 175 -1.64 -16.71 -10.35
N LEU A 176 -0.37 -17.09 -10.42
CA LEU A 176 0.55 -16.65 -11.46
C LEU A 176 0.18 -17.17 -12.84
N GLU A 177 -0.41 -18.36 -12.89
CA GLU A 177 -0.93 -18.92 -14.13
C GLU A 177 -2.25 -18.24 -14.52
N ALA A 178 -3.17 -18.17 -13.57
CA ALA A 178 -4.50 -17.61 -13.81
C ALA A 178 -4.49 -16.10 -14.04
N GLY A 179 -3.56 -15.40 -13.39
CA GLY A 179 -3.50 -13.94 -13.48
C GLY A 179 -2.50 -13.40 -14.49
N LYS A 180 -2.03 -14.27 -15.37
CA LYS A 180 -0.92 -13.95 -16.28
C LYS A 180 -1.07 -12.64 -17.05
N SER A 181 -2.24 -12.41 -17.66
CA SER A 181 -2.44 -11.24 -18.51
C SER A 181 -2.43 -9.92 -17.72
N ASP A 182 -2.90 -9.96 -16.47
CA ASP A 182 -2.82 -8.79 -15.60
C ASP A 182 -1.40 -8.58 -15.08
N LEU A 183 -0.79 -9.65 -14.56
CA LEU A 183 0.55 -9.58 -13.99
C LEU A 183 1.61 -9.16 -15.01
N GLU A 184 1.40 -9.55 -16.27
CA GLU A 184 2.34 -9.23 -17.33
C GLU A 184 1.87 -8.06 -18.20
N LYS A 185 0.86 -7.33 -17.73
CA LYS A 185 0.34 -6.20 -18.49
C LYS A 185 1.40 -5.10 -18.64
N GLN A 186 1.33 -4.38 -19.75
CA GLN A 186 2.21 -3.24 -19.98
C GLN A 186 1.34 -2.02 -20.24
N GLU A 187 1.45 -1.02 -19.39
CA GLU A 187 0.75 0.25 -19.59
C GLU A 187 1.76 1.38 -19.84
N LYS A 188 1.45 2.21 -20.82
CA LYS A 188 2.34 3.29 -21.24
C LYS A 188 2.25 4.51 -20.33
N PRO A 189 3.42 5.04 -19.91
CA PRO A 189 3.41 6.30 -19.16
C PRO A 189 3.00 7.47 -20.07
N VAL A 190 2.31 8.44 -19.49
CA VAL A 190 2.13 9.74 -20.12
C VAL A 190 2.92 10.71 -19.23
N ALA A 191 3.69 11.62 -19.85
CA ALA A 191 4.48 12.56 -19.08
C ALA A 191 4.07 14.01 -19.33
N TRP A 192 4.27 14.87 -18.33
CA TRP A 192 4.17 16.31 -18.54
C TRP A 192 5.10 17.09 -17.66
N LEU A 193 5.39 18.33 -18.05
CA LEU A 193 6.26 19.21 -17.27
C LEU A 193 5.48 20.36 -16.64
N SER A 194 5.86 20.70 -15.40
CA SER A 194 5.40 21.91 -14.74
C SER A 194 6.52 22.49 -13.89
N SER A 195 6.22 23.57 -13.18
CA SER A 195 7.11 24.05 -12.12
C SER A 195 6.31 24.36 -10.84
N VAL A 196 7.01 24.32 -9.71
CA VAL A 196 6.46 24.67 -8.39
C VAL A 196 7.51 25.50 -7.65
N PRO A 197 7.16 26.09 -6.48
CA PRO A 197 8.11 26.98 -5.80
C PRO A 197 9.38 26.28 -5.29
N SER A 198 10.43 27.09 -5.10
CA SER A 198 11.69 26.69 -4.45
C SER A 198 12.57 25.80 -5.32
N GLY A 202 16.49 34.05 -9.14
CA GLY A 202 15.71 33.14 -8.32
C GLY A 202 15.64 31.72 -8.88
N HIS A 203 15.60 30.74 -8.00
CA HIS A 203 15.48 29.33 -8.40
C HIS A 203 14.04 28.92 -8.58
N ARG A 204 13.82 28.02 -9.53
CA ARG A 204 12.54 27.30 -9.61
C ARG A 204 12.78 25.80 -9.61
N GLN A 205 11.78 25.06 -9.13
CA GLN A 205 11.79 23.61 -9.20
C GLN A 205 11.01 23.14 -10.43
N LEU A 206 11.72 22.56 -11.40
CA LEU A 206 11.05 21.96 -12.55
C LEU A 206 10.61 20.54 -12.22
N VAL A 207 9.41 20.19 -12.69
CA VAL A 207 8.81 18.90 -12.35
C VAL A 207 8.46 18.12 -13.61
N CYS A 208 9.02 16.91 -13.71
CA CYS A 208 8.63 15.99 -14.75
C CYS A 208 7.71 14.92 -14.14
N HIS A 209 6.43 14.99 -14.52
CA HIS A 209 5.41 14.04 -14.03
C HIS A 209 5.29 12.89 -14.99
N VAL A 210 5.30 11.67 -14.45
CA VAL A 210 5.18 10.46 -15.25
C VAL A 210 4.06 9.61 -14.66
N SER A 211 3.03 9.34 -15.45
CA SER A 211 1.81 8.73 -14.88
C SER A 211 1.16 7.69 -15.78
N GLY A 212 0.60 6.64 -15.15
CA GLY A 212 -0.16 5.62 -15.87
C GLY A 212 0.66 4.45 -16.38
N PHE A 213 1.89 4.32 -15.89
CA PHE A 213 2.76 3.23 -16.33
C PHE A 213 2.60 1.97 -15.46
N TYR A 214 2.80 0.82 -16.09
CA TYR A 214 2.86 -0.49 -15.43
C TYR A 214 3.66 -1.43 -16.34
N PRO A 215 4.57 -2.24 -15.76
CA PRO A 215 4.87 -2.42 -14.34
C PRO A 215 5.71 -1.28 -13.73
N LYS A 216 6.04 -1.42 -12.44
CA LYS A 216 6.65 -0.35 -11.65
C LYS A 216 7.99 0.18 -12.16
N PRO A 217 8.95 -0.69 -12.57
CA PRO A 217 10.26 -0.12 -12.92
C PRO A 217 10.21 0.93 -14.05
N VAL A 218 10.89 2.05 -13.85
CA VAL A 218 10.87 3.19 -14.78
C VAL A 218 12.14 4.04 -14.60
N TRP A 219 12.58 4.68 -15.67
CA TRP A 219 13.77 5.51 -15.64
C TRP A 219 13.36 6.89 -16.06
N VAL A 220 13.58 7.87 -15.18
CA VAL A 220 13.24 9.26 -15.45
C VAL A 220 14.43 10.15 -15.10
N MET A 221 14.85 10.97 -16.06
CA MET A 221 16.01 11.85 -15.86
C MET A 221 15.87 13.18 -16.55
N TRP A 222 16.28 14.25 -15.86
CA TRP A 222 16.47 15.54 -16.51
C TRP A 222 17.77 15.53 -17.24
N MET A 223 17.77 16.12 -18.44
CA MET A 223 18.91 16.09 -19.36
C MET A 223 19.18 17.47 -19.95
N ARG A 224 20.45 17.76 -20.18
CA ARG A 224 20.82 18.82 -21.11
C ARG A 224 21.61 18.14 -22.22
N GLY A 225 20.95 17.93 -23.36
CA GLY A 225 21.50 17.10 -24.43
C GLY A 225 21.70 15.67 -23.96
N ASP A 226 22.93 15.17 -24.07
CA ASP A 226 23.30 13.83 -23.62
C ASP A 226 23.68 13.77 -22.13
N GLN A 227 23.81 14.93 -21.48
CA GLN A 227 24.29 14.99 -20.11
C GLN A 227 23.15 14.77 -19.15
N GLU A 228 23.24 13.72 -18.35
CA GLU A 228 22.29 13.50 -17.28
C GLU A 228 22.49 14.58 -16.22
N GLN A 229 21.40 15.21 -15.79
CA GLN A 229 21.46 16.21 -14.73
C GLN A 229 21.39 15.53 -13.37
N GLN A 230 22.50 15.53 -12.64
CA GLN A 230 22.59 14.80 -11.38
C GLN A 230 21.83 15.48 -10.25
N GLY A 231 21.34 16.68 -10.51
CA GLY A 231 20.41 17.34 -9.60
C GLY A 231 19.03 16.70 -9.63
N THR A 232 18.77 15.83 -10.61
CA THR A 232 17.47 15.11 -10.73
C THR A 232 17.13 14.40 -9.42
N HIS A 233 15.94 14.71 -8.88
CA HIS A 233 15.48 14.14 -7.64
C HIS A 233 14.20 13.38 -7.89
N ARG A 234 14.28 12.06 -7.86
CA ARG A 234 13.10 11.20 -8.07
C ARG A 234 12.33 11.05 -6.78
N GLY A 235 11.01 11.24 -6.86
CA GLY A 235 10.13 11.02 -5.71
C GLY A 235 9.85 9.54 -5.53
N ASP A 236 8.89 9.22 -4.67
CA ASP A 236 8.46 7.84 -4.48
C ASP A 236 7.45 7.43 -5.54
N PHE A 237 7.33 6.13 -5.77
CA PHE A 237 6.25 5.60 -6.59
C PHE A 237 4.93 5.82 -5.86
N LEU A 238 4.00 6.51 -6.53
CA LEU A 238 2.69 6.78 -5.95
C LEU A 238 1.60 6.10 -6.79
N PRO A 239 0.68 5.38 -6.14
CA PRO A 239 -0.31 4.66 -6.92
C PRO A 239 -1.39 5.54 -7.54
N ASN A 240 -1.73 5.25 -8.79
CA ASN A 240 -3.01 5.69 -9.32
C ASN A 240 -4.09 4.70 -8.90
N ALA A 241 -5.35 5.08 -9.06
CA ALA A 241 -6.47 4.24 -8.63
C ALA A 241 -6.79 3.12 -9.65
N ASP A 242 -6.18 3.18 -10.83
CA ASP A 242 -6.46 2.22 -11.90
C ASP A 242 -5.32 1.21 -12.11
N GLU A 243 -4.64 0.86 -11.01
CA GLU A 243 -3.53 -0.12 -11.04
C GLU A 243 -2.45 0.27 -12.05
N THR A 244 -2.11 1.55 -12.03
CA THR A 244 -0.92 2.07 -12.70
C THR A 244 -0.17 2.92 -11.70
N TRP A 245 1.00 3.41 -12.11
CA TRP A 245 1.85 4.14 -11.21
C TRP A 245 2.04 5.58 -11.59
N TYR A 246 2.45 6.36 -10.61
CA TYR A 246 2.79 7.77 -10.78
C TYR A 246 4.15 8.00 -10.13
N LEU A 247 4.98 8.78 -10.80
CA LEU A 247 6.27 9.19 -10.26
C LEU A 247 6.57 10.59 -10.78
N GLN A 248 7.22 11.42 -9.96
CA GLN A 248 7.80 12.65 -10.48
C GLN A 248 9.27 12.77 -10.16
N ALA A 249 9.99 13.46 -11.04
CA ALA A 249 11.39 13.78 -10.86
C ALA A 249 11.56 15.29 -10.98
N THR A 250 12.21 15.89 -9.99
CA THR A 250 12.37 17.32 -9.97
C THR A 250 13.81 17.75 -10.18
N LEU A 251 13.97 19.00 -10.61
CA LEU A 251 15.27 19.62 -10.75
C LEU A 251 15.17 21.10 -10.37
N ASP A 252 15.96 21.52 -9.38
CA ASP A 252 16.02 22.92 -9.01
C ASP A 252 16.99 23.63 -9.94
N VAL A 253 16.51 24.68 -10.60
CA VAL A 253 17.27 25.36 -11.65
C VAL A 253 17.32 26.87 -11.42
N GLU A 254 18.48 27.46 -11.63
CA GLU A 254 18.63 28.92 -11.61
C GLU A 254 17.76 29.56 -12.69
N ALA A 255 17.16 30.70 -12.37
CA ALA A 255 16.42 31.47 -13.36
C ALA A 255 17.28 31.74 -14.59
N GLY A 256 16.72 31.45 -15.76
CA GLY A 256 17.43 31.69 -17.02
C GLY A 256 18.40 30.59 -17.39
N GLU A 257 18.39 29.49 -16.63
CA GLU A 257 19.15 28.31 -16.98
C GLU A 257 18.23 27.16 -17.42
N GLU A 258 16.93 27.43 -17.45
CA GLU A 258 15.91 26.44 -17.84
C GLU A 258 16.06 25.98 -19.30
N ALA A 259 16.43 26.90 -20.19
CA ALA A 259 16.53 26.62 -21.63
C ALA A 259 17.53 25.49 -21.93
N GLY A 260 17.12 24.56 -22.78
CA GLY A 260 17.94 23.43 -23.15
C GLY A 260 17.69 22.18 -22.31
N LEU A 261 16.87 22.29 -21.26
CA LEU A 261 16.59 21.14 -20.41
C LEU A 261 15.48 20.28 -20.98
N ALA A 262 15.60 18.96 -20.79
CA ALA A 262 14.61 17.98 -21.22
C ALA A 262 14.42 16.91 -20.16
N CYS A 263 13.23 16.32 -20.12
CA CYS A 263 12.96 15.13 -19.31
C CYS A 263 12.84 13.90 -20.20
N ARG A 264 13.68 12.90 -19.93
CA ARG A 264 13.66 11.65 -20.68
C ARG A 264 13.11 10.52 -19.81
N VAL A 265 12.19 9.76 -20.39
CA VAL A 265 11.53 8.65 -19.70
C VAL A 265 11.73 7.36 -20.47
N LYS A 266 12.32 6.35 -19.81
CA LYS A 266 12.43 5.00 -20.36
C LYS A 266 11.46 4.08 -19.60
N HIS A 267 10.72 3.25 -20.34
CA HIS A 267 9.81 2.27 -19.74
C HIS A 267 9.63 1.10 -20.65
N SER A 268 9.53 -0.09 -20.04
CA SER A 268 9.33 -1.34 -20.75
C SER A 268 8.20 -1.30 -21.79
N SER A 269 7.14 -0.54 -21.53
CA SER A 269 5.99 -0.48 -22.44
C SER A 269 6.26 0.29 -23.74
N LEU A 270 7.36 1.03 -23.77
CA LEU A 270 7.66 1.93 -24.87
C LEU A 270 8.55 1.32 -25.94
N GLY A 271 9.05 0.11 -25.69
CA GLY A 271 9.85 -0.65 -26.64
C GLY A 271 11.05 0.07 -27.23
N GLY A 272 11.79 0.78 -26.37
CA GLY A 272 12.99 1.50 -26.80
C GLY A 272 12.74 2.92 -27.29
N GLN A 273 11.47 3.31 -27.38
CA GLN A 273 11.12 4.65 -27.83
C GLN A 273 10.79 5.56 -26.65
N ASP A 274 11.85 6.13 -26.08
CA ASP A 274 11.78 7.00 -24.90
C ASP A 274 10.87 8.19 -25.13
N ILE A 275 10.17 8.62 -24.09
CA ILE A 275 9.51 9.92 -24.12
C ILE A 275 10.57 10.97 -23.82
N ILE A 276 10.64 12.01 -24.67
CA ILE A 276 11.46 13.19 -24.38
C ILE A 276 10.61 14.47 -24.44
N LEU A 277 10.49 15.14 -23.31
CA LEU A 277 9.84 16.44 -23.24
C LEU A 277 10.87 17.55 -23.03
N TYR A 278 10.69 18.66 -23.73
CA TYR A 278 11.60 19.80 -23.64
C TYR A 278 10.97 20.94 -22.84
N TRP A 279 11.73 21.51 -21.90
CA TRP A 279 11.22 22.66 -21.15
C TRP A 279 11.19 23.87 -22.04
N GLN B 2 2.88 6.05 17.86
CA GLN B 2 2.04 6.99 17.05
C GLN B 2 2.87 7.60 15.91
N LYS B 3 2.31 7.62 14.70
CA LYS B 3 3.02 8.15 13.53
C LYS B 3 2.15 9.09 12.68
N THR B 4 2.75 10.23 12.31
CA THR B 4 2.08 11.33 11.60
C THR B 4 1.87 11.02 10.11
N PRO B 5 0.65 11.25 9.58
CA PRO B 5 0.45 10.98 8.15
C PRO B 5 1.16 11.97 7.24
N GLN B 6 1.69 11.46 6.13
CA GLN B 6 2.21 12.28 5.06
C GLN B 6 1.17 12.28 3.95
N ILE B 7 1.09 13.37 3.19
CA ILE B 7 0.02 13.53 2.20
C ILE B 7 0.63 14.02 0.89
N GLN B 8 0.22 13.37 -0.20
CA GLN B 8 0.66 13.75 -1.53
C GLN B 8 -0.55 13.83 -2.44
N VAL B 9 -0.67 14.96 -3.13
CA VAL B 9 -1.80 15.24 -3.99
C VAL B 9 -1.32 15.37 -5.43
N TYR B 10 -1.94 14.62 -6.34
CA TYR B 10 -1.51 14.54 -7.75
C TYR B 10 -2.64 14.11 -8.66
N SER B 11 -2.66 14.62 -9.88
CA SER B 11 -3.63 14.20 -10.89
C SER B 11 -3.17 12.97 -11.69
N ARG B 12 -4.14 12.15 -12.07
CA ARG B 12 -3.93 10.96 -12.90
C ARG B 12 -3.39 11.31 -14.29
N HIS B 13 -3.94 12.37 -14.90
CA HIS B 13 -3.56 12.77 -16.24
C HIS B 13 -2.97 14.18 -16.25
N PRO B 14 -2.27 14.57 -17.34
CA PRO B 14 -1.85 15.96 -17.48
C PRO B 14 -3.06 16.89 -17.32
N PRO B 15 -2.96 17.88 -16.42
CA PRO B 15 -4.14 18.73 -16.20
C PRO B 15 -4.43 19.65 -17.38
N GLU B 16 -5.63 19.50 -17.94
CA GLU B 16 -6.08 20.38 -19.00
C GLU B 16 -7.41 20.94 -18.55
N ASN B 17 -7.52 22.25 -18.55
CA ASN B 17 -8.77 22.91 -18.17
C ASN B 17 -9.92 22.49 -19.08
N GLY B 18 -11.02 22.08 -18.47
CA GLY B 18 -12.19 21.63 -19.23
C GLY B 18 -12.20 20.15 -19.53
N LYS B 19 -11.09 19.47 -19.23
CA LYS B 19 -10.98 18.04 -19.53
C LYS B 19 -11.10 17.18 -18.28
N PRO B 20 -12.01 16.18 -18.28
CA PRO B 20 -12.18 15.29 -17.13
C PRO B 20 -10.89 14.58 -16.76
N ASN B 21 -10.64 14.48 -15.46
CA ASN B 21 -9.38 13.97 -14.93
C ASN B 21 -9.72 13.35 -13.58
N ILE B 22 -8.69 12.85 -12.88
CA ILE B 22 -8.86 12.31 -11.55
C ILE B 22 -7.77 12.89 -10.65
N LEU B 23 -8.16 13.36 -9.47
CA LEU B 23 -7.21 13.86 -8.49
C LEU B 23 -7.03 12.83 -7.38
N ASN B 24 -5.77 12.52 -7.08
CA ASN B 24 -5.39 11.54 -6.07
C ASN B 24 -4.89 12.20 -4.80
N CYS B 25 -5.31 11.66 -3.66
CA CYS B 25 -4.70 12.01 -2.39
C CYS B 25 -4.19 10.76 -1.70
N TYR B 26 -2.87 10.63 -1.63
CA TYR B 26 -2.21 9.43 -1.11
C TYR B 26 -1.67 9.77 0.25
N VAL B 27 -2.15 9.05 1.26
CA VAL B 27 -1.86 9.31 2.67
C VAL B 27 -1.10 8.11 3.23
N THR B 28 0.09 8.36 3.75
CA THR B 28 1.03 7.30 4.14
C THR B 28 1.66 7.53 5.52
N GLN B 29 2.40 6.51 5.96
CA GLN B 29 3.28 6.59 7.14
C GLN B 29 2.58 6.89 8.47
N PHE B 30 1.30 6.58 8.58
CA PHE B 30 0.56 6.88 9.81
C PHE B 30 0.27 5.65 10.67
N HIS B 31 0.06 5.89 11.97
CA HIS B 31 -0.33 4.88 12.95
C HIS B 31 -0.86 5.60 14.15
N PRO B 32 -2.01 5.18 14.71
CA PRO B 32 -2.87 4.02 14.39
C PRO B 32 -3.61 4.16 13.05
N PRO B 33 -4.30 3.09 12.61
CA PRO B 33 -4.94 3.12 11.28
C PRO B 33 -6.20 4.00 11.18
N HIS B 34 -6.67 4.55 12.29
CA HIS B 34 -7.89 5.35 12.30
C HIS B 34 -7.64 6.76 11.85
N ILE B 35 -8.39 7.17 10.82
CA ILE B 35 -8.05 8.39 10.08
C ILE B 35 -9.28 8.93 9.34
N GLU B 36 -9.32 10.25 9.14
CA GLU B 36 -10.35 10.89 8.35
C GLU B 36 -9.68 11.69 7.26
N ILE B 37 -10.09 11.43 6.03
CA ILE B 37 -9.52 12.05 4.85
C ILE B 37 -10.64 12.76 4.09
N GLN B 38 -10.42 14.03 3.78
CA GLN B 38 -11.38 14.83 3.02
C GLN B 38 -10.66 15.40 1.83
N MET B 39 -11.36 15.43 0.69
CA MET B 39 -10.85 16.18 -0.43
C MET B 39 -11.69 17.43 -0.59
N LEU B 40 -11.04 18.55 -0.91
CA LEU B 40 -11.69 19.85 -0.88
C LEU B 40 -11.63 20.57 -2.21
N LYS B 41 -12.74 21.21 -2.56
CA LYS B 41 -12.83 22.08 -3.72
C LYS B 41 -13.19 23.48 -3.24
N ASN B 42 -12.29 24.43 -3.48
CA ASN B 42 -12.44 25.81 -2.97
C ASN B 42 -12.84 25.85 -1.50
N GLY B 43 -12.18 25.02 -0.69
CA GLY B 43 -12.41 24.96 0.75
C GLY B 43 -13.61 24.15 1.21
N LYS B 44 -14.37 23.59 0.26
CA LYS B 44 -15.57 22.83 0.57
C LYS B 44 -15.36 21.34 0.36
N LYS B 45 -15.86 20.53 1.28
CA LYS B 45 -15.75 19.06 1.17
C LYS B 45 -16.34 18.57 -0.14
N ILE B 46 -15.61 17.69 -0.81
CA ILE B 46 -16.08 17.02 -2.02
C ILE B 46 -16.88 15.76 -1.60
N PRO B 47 -18.15 15.66 -2.02
CA PRO B 47 -19.01 14.54 -1.58
C PRO B 47 -18.55 13.18 -2.11
N LYS B 48 -18.29 13.09 -3.42
CA LYS B 48 -17.98 11.79 -4.01
C LYS B 48 -16.48 11.54 -4.12
N VAL B 49 -15.95 10.94 -3.06
CA VAL B 49 -14.53 10.60 -2.96
C VAL B 49 -14.42 9.11 -2.70
N GLU B 50 -13.70 8.41 -3.58
CA GLU B 50 -13.47 6.97 -3.45
C GLU B 50 -12.24 6.69 -2.61
N MET B 51 -12.33 5.67 -1.76
CA MET B 51 -11.19 5.26 -0.93
C MET B 51 -10.76 3.85 -1.27
N SER B 52 -9.46 3.64 -1.45
CA SER B 52 -8.91 2.28 -1.53
C SER B 52 -9.07 1.61 -0.16
N ASP B 53 -8.85 0.29 -0.12
CA ASP B 53 -8.81 -0.45 1.15
C ASP B 53 -7.58 0.00 1.88
N MET B 54 -7.62 0.06 3.20
CA MET B 54 -6.40 0.38 3.89
C MET B 54 -5.45 -0.80 3.86
N SER B 55 -4.17 -0.46 3.72
CA SER B 55 -3.12 -1.45 3.67
C SER B 55 -1.96 -0.96 4.53
N PHE B 56 -0.88 -1.72 4.57
CA PHE B 56 0.34 -1.27 5.26
C PHE B 56 1.61 -1.76 4.58
N SER B 57 2.71 -1.06 4.86
CA SER B 57 3.99 -1.25 4.19
C SER B 57 4.90 -2.22 4.93
N LYS B 58 6.08 -2.47 4.37
CA LYS B 58 7.10 -3.28 5.02
C LYS B 58 7.50 -2.78 6.42
N ASP B 59 7.46 -1.46 6.62
CA ASP B 59 7.81 -0.90 7.93
C ASP B 59 6.61 -0.83 8.87
N TRP B 60 5.49 -1.42 8.45
CA TRP B 60 4.27 -1.53 9.27
C TRP B 60 3.39 -0.31 9.28
N SER B 61 3.87 0.81 8.76
CA SER B 61 3.07 2.03 8.67
C SER B 61 1.93 1.89 7.64
N PHE B 62 0.78 2.48 7.94
CA PHE B 62 -0.39 2.34 7.08
C PHE B 62 -0.39 3.31 5.89
N TYR B 63 -1.14 2.96 4.85
CA TYR B 63 -1.38 3.86 3.72
C TYR B 63 -2.74 3.58 3.09
N ILE B 64 -3.25 4.60 2.40
CA ILE B 64 -4.55 4.56 1.76
C ILE B 64 -4.58 5.61 0.65
N LEU B 65 -5.30 5.31 -0.42
CA LEU B 65 -5.47 6.25 -1.51
C LEU B 65 -6.92 6.69 -1.58
N ALA B 66 -7.13 8.00 -1.54
CA ALA B 66 -8.43 8.60 -1.89
C ALA B 66 -8.33 9.21 -3.28
N HIS B 67 -9.41 9.15 -4.06
CA HIS B 67 -9.44 9.82 -5.36
C HIS B 67 -10.81 10.31 -5.70
N THR B 68 -10.87 11.29 -6.60
CA THR B 68 -12.14 11.85 -7.01
C THR B 68 -12.05 12.31 -8.46
N GLU B 69 -13.15 12.16 -9.19
CA GLU B 69 -13.26 12.67 -10.55
C GLU B 69 -13.32 14.18 -10.48
N PHE B 70 -12.59 14.87 -11.35
CA PHE B 70 -12.68 16.32 -11.43
C PHE B 70 -12.31 16.86 -12.80
N THR B 71 -12.89 18.01 -13.12
CA THR B 71 -12.58 18.71 -14.35
C THR B 71 -11.92 20.03 -13.93
N PRO B 72 -10.59 20.13 -14.11
CA PRO B 72 -9.86 21.35 -13.77
C PRO B 72 -10.40 22.56 -14.53
N THR B 73 -10.50 23.69 -13.83
CA THR B 73 -10.72 24.99 -14.45
C THR B 73 -9.51 25.85 -14.10
N GLU B 74 -9.48 27.08 -14.62
CA GLU B 74 -8.41 28.03 -14.31
C GLU B 74 -8.39 28.46 -12.83
N THR B 75 -9.57 28.55 -12.20
CA THR B 75 -9.68 29.19 -10.88
C THR B 75 -9.96 28.26 -9.69
N ASP B 76 -10.37 27.02 -9.95
CA ASP B 76 -10.72 26.12 -8.85
C ASP B 76 -9.46 25.63 -8.13
N THR B 77 -9.50 25.65 -6.80
CA THR B 77 -8.38 25.15 -6.00
C THR B 77 -8.78 23.92 -5.21
N TYR B 78 -7.88 22.93 -5.22
CA TYR B 78 -8.14 21.63 -4.62
C TYR B 78 -7.12 21.33 -3.53
N ALA B 79 -7.57 20.62 -2.51
CA ALA B 79 -6.73 20.26 -1.40
C ALA B 79 -7.17 18.92 -0.82
N CYS B 80 -6.32 18.34 0.02
CA CYS B 80 -6.67 17.16 0.77
C CYS B 80 -6.38 17.41 2.24
N ARG B 81 -7.40 17.23 3.08
CA ARG B 81 -7.29 17.53 4.51
C ARG B 81 -7.46 16.25 5.31
N VAL B 82 -6.55 16.04 6.25
CA VAL B 82 -6.49 14.81 7.03
C VAL B 82 -6.56 15.08 8.53
N LYS B 83 -7.40 14.32 9.23
CA LYS B 83 -7.46 14.36 10.69
C LYS B 83 -6.95 13.03 11.23
N HIS B 84 -6.11 13.10 12.26
CA HIS B 84 -5.47 11.91 12.82
C HIS B 84 -5.01 12.19 14.23
N ALA B 85 -5.05 11.17 15.08
CA ALA B 85 -4.75 11.33 16.51
C ALA B 85 -3.33 11.83 16.79
N SER B 86 -2.42 11.60 15.85
CA SER B 86 -1.04 12.05 15.97
C SER B 86 -0.90 13.58 15.90
N MET B 87 -1.90 14.25 15.34
CA MET B 87 -1.86 15.70 15.13
C MET B 87 -2.98 16.40 15.89
N ALA B 88 -2.63 17.51 16.53
CA ALA B 88 -3.61 18.34 17.26
C ALA B 88 -4.49 19.11 16.28
N GLU B 89 -3.91 19.42 15.12
CA GLU B 89 -4.58 20.18 14.08
C GLU B 89 -4.67 19.34 12.81
N PRO B 90 -5.75 19.51 12.02
CA PRO B 90 -5.77 18.81 10.74
C PRO B 90 -4.64 19.30 9.82
N LYS B 91 -4.15 18.40 8.98
CA LYS B 91 -3.08 18.70 8.03
C LYS B 91 -3.69 18.81 6.65
N THR B 92 -3.41 19.92 5.98
CA THR B 92 -3.95 20.18 4.65
C THR B 92 -2.82 20.32 3.64
N VAL B 93 -2.97 19.64 2.50
CA VAL B 93 -2.02 19.79 1.40
C VAL B 93 -2.80 20.19 0.15
N TYR B 94 -2.33 21.25 -0.50
CA TYR B 94 -2.97 21.79 -1.70
C TYR B 94 -2.39 21.17 -2.96
N TRP B 95 -3.25 20.94 -3.94
CA TRP B 95 -2.81 20.49 -5.25
C TRP B 95 -1.93 21.54 -5.89
N ASP B 96 -0.80 21.09 -6.41
CA ASP B 96 0.32 21.93 -6.86
C ASP B 96 0.14 22.76 -8.13
N ARG B 97 -0.68 22.27 -9.06
CA ARG B 97 -0.63 22.67 -10.47
C ARG B 97 0.20 23.93 -10.78
N ASP B 98 -0.36 25.10 -10.49
CA ASP B 98 0.26 26.38 -10.85
C ASP B 98 0.87 27.14 -9.67
N MET B 99 1.24 26.42 -8.61
CA MET B 99 1.83 27.01 -7.41
C MET B 99 3.32 27.28 -7.60
#